data_7SZQ
#
_entry.id   7SZQ
#
_cell.length_a   62.444
_cell.length_b   62.444
_cell.length_c   103.658
_cell.angle_alpha   90.000
_cell.angle_beta   90.000
_cell.angle_gamma   90.000
#
_symmetry.space_group_name_H-M   'P 43'
#
loop_
_entity.id
_entity.type
_entity.pdbx_description
1 polymer 'Histone acetyltransferase p300'
2 non-polymer 1-[1-(4-chlorophenyl)cyclopentane-1-carbonyl]-N-1H-pyrazolo[4,3-b]pyridin-5-yl-D-prolinamide
3 water water
#
_entity_poly.entity_id   1
_entity_poly.type   'polypeptide(L)'
_entity_poly.pdbx_seq_one_letter_code
;GSARTRKENKFSAKRLPSTRLGTFLENRVNDFLRRQNHPESGEVTVRVVHASDKTVEVKPGMKARFVDSGEMAESFPYRT
KALFAFEEIDGVDLCFFGMHVQEYGSDCPPPNQRRVYISYLDSVHFFRPKCLRTAVYHEILIGYLEYVKKLGYTTGHIWA
CPPSEGDDYIFHCHPPDQKIPKPKRLQEWFKKMLDKAVSERIVHDYKDIFKQATEDRLTSAKELPYFEGDFWPNVLEESI
KELEQEEEERKREENTSNESTDVTKGDSKNAKKKNNKKTSKNKSSLSRGNKKKPGMPNVSNDLSQKLYATMEKHKEVFFV
IRLIAGPAANSLPPIVDPDPLIPCDLMDGRDAFLTLARDKHLEFSSLRRAQWSTMCMLVELHTQSQDRF
;
_entity_poly.pdbx_strand_id   A
#
# COMPACT_ATOMS: atom_id res chain seq x y z
N GLU A 8 -22.48 20.57 14.19
CA GLU A 8 -21.92 19.24 14.37
C GLU A 8 -22.48 18.34 13.27
N ASN A 9 -21.64 17.41 12.81
CA ASN A 9 -21.89 16.61 11.62
C ASN A 9 -21.68 15.15 11.98
N LYS A 10 -22.78 14.40 12.11
CA LYS A 10 -22.72 13.04 12.61
C LYS A 10 -22.11 12.06 11.62
N PHE A 11 -21.87 12.50 10.38
CA PHE A 11 -21.29 11.67 9.34
C PHE A 11 -19.88 12.12 8.93
N SER A 12 -19.18 12.84 9.80
CA SER A 12 -17.88 13.39 9.50
C SER A 12 -16.82 12.30 9.49
N ALA A 13 -15.64 12.65 8.93
CA ALA A 13 -14.50 11.74 8.95
C ALA A 13 -13.96 11.55 10.35
N LYS A 14 -13.98 12.62 11.16
CA LYS A 14 -13.47 12.53 12.54
C LYS A 14 -14.26 11.50 13.36
N ARG A 15 -15.54 11.39 13.10
CA ARG A 15 -16.40 10.50 13.85
C ARG A 15 -16.42 9.10 13.30
N LEU A 16 -15.60 8.80 12.29
CA LEU A 16 -15.46 7.42 11.87
C LEU A 16 -14.81 6.61 12.98
N PRO A 17 -15.14 5.33 13.10
CA PRO A 17 -14.54 4.50 14.16
C PRO A 17 -13.02 4.51 14.08
N SER A 18 -12.39 4.79 15.20
CA SER A 18 -10.95 4.92 15.23
C SER A 18 -10.26 3.57 15.34
N THR A 19 -8.99 3.55 14.97
CA THR A 19 -8.12 2.39 15.09
C THR A 19 -6.78 2.86 15.62
N ARG A 20 -6.03 1.92 16.21
CA ARG A 20 -4.73 2.34 16.72
C ARG A 20 -3.83 2.79 15.58
N LEU A 21 -3.91 2.12 14.44
CA LEU A 21 -3.12 2.49 13.27
C LEU A 21 -3.53 3.87 12.75
N GLY A 22 -4.85 4.10 12.61
CA GLY A 22 -5.31 5.39 12.13
C GLY A 22 -4.82 6.53 13.00
N THR A 23 -5.07 6.43 14.31
CA THR A 23 -4.53 7.37 15.30
C THR A 23 -3.04 7.60 15.11
N PHE A 24 -2.25 6.53 15.15
CA PHE A 24 -0.82 6.62 14.94
C PHE A 24 -0.49 7.51 13.75
N LEU A 25 -1.08 7.20 12.59
CA LEU A 25 -0.75 7.93 11.38
C LEU A 25 -1.18 9.39 11.48
N GLU A 26 -2.42 9.65 11.92
CA GLU A 26 -2.88 11.03 11.88
C GLU A 26 -2.14 11.88 12.90
N ASN A 27 -1.85 11.33 14.08
CA ASN A 27 -1.02 12.06 15.04
C ASN A 27 0.28 12.48 14.41
N ARG A 28 0.88 11.58 13.63
CA ARG A 28 2.16 11.91 13.02
C ARG A 28 2.02 13.05 12.04
N VAL A 29 0.97 13.01 11.21
CA VAL A 29 0.74 14.06 10.23
C VAL A 29 0.43 15.39 10.92
N ASN A 30 -0.49 15.38 11.89
CA ASN A 30 -0.85 16.66 12.50
C ASN A 30 0.34 17.26 13.27
N ASP A 31 1.14 16.41 13.93
CA ASP A 31 2.37 16.89 14.55
C ASP A 31 3.21 17.64 13.52
N PHE A 32 3.46 16.98 12.38
CA PHE A 32 4.16 17.64 11.29
C PHE A 32 3.47 18.94 10.90
N LEU A 33 2.15 18.93 10.75
CA LEU A 33 1.46 20.13 10.30
C LEU A 33 1.61 21.28 11.30
N ARG A 34 1.41 20.99 12.59
CA ARG A 34 1.58 21.98 13.66
C ARG A 34 2.99 22.58 13.63
N ARG A 35 4.02 21.75 13.46
CA ARG A 35 5.40 22.26 13.40
C ARG A 35 5.57 23.26 12.27
N GLN A 36 5.03 22.94 11.08
CA GLN A 36 5.10 23.84 9.92
C GLN A 36 4.34 25.13 10.16
N ASN A 37 3.29 25.08 10.98
CA ASN A 37 2.49 26.24 11.34
C ASN A 37 2.17 27.13 10.13
N HIS A 38 1.35 26.60 9.23
CA HIS A 38 1.00 27.26 7.98
C HIS A 38 -0.46 27.71 8.04
N PRO A 39 -0.76 29.00 7.92
CA PRO A 39 -2.14 29.46 8.17
C PRO A 39 -3.19 28.80 7.27
N GLU A 40 -2.77 28.17 6.16
CA GLU A 40 -3.66 27.71 5.12
C GLU A 40 -3.99 26.22 5.20
N SER A 41 -3.55 25.52 6.24
CA SER A 41 -3.72 24.09 6.30
C SER A 41 -4.76 23.73 7.37
N GLY A 42 -5.20 22.46 7.35
CA GLY A 42 -6.25 22.00 8.24
C GLY A 42 -5.93 20.67 8.86
N GLU A 43 -6.79 20.27 9.79
CA GLU A 43 -6.55 19.05 10.55
C GLU A 43 -6.73 17.83 9.65
N VAL A 44 -5.78 16.91 9.69
CA VAL A 44 -5.87 15.68 8.92
C VAL A 44 -6.44 14.57 9.78
N THR A 45 -7.30 13.75 9.20
CA THR A 45 -7.89 12.59 9.84
C THR A 45 -7.58 11.33 9.02
N VAL A 46 -7.19 10.28 9.70
CA VAL A 46 -6.80 9.05 9.04
C VAL A 46 -7.61 7.91 9.64
N ARG A 47 -8.15 7.06 8.77
CA ARG A 47 -9.12 6.05 9.19
C ARG A 47 -8.83 4.80 8.40
N VAL A 48 -8.52 3.71 9.10
CA VAL A 48 -8.63 2.38 8.52
C VAL A 48 -10.11 2.06 8.34
N VAL A 49 -10.52 1.81 7.11
CA VAL A 49 -11.93 1.58 6.82
C VAL A 49 -12.21 0.18 6.31
N HIS A 50 -11.20 -0.69 6.27
CA HIS A 50 -11.40 -2.10 5.99
C HIS A 50 -10.22 -2.89 6.53
N ALA A 51 -10.51 -4.09 7.05
CA ALA A 51 -9.45 -4.99 7.50
C ALA A 51 -10.01 -6.41 7.59
N SER A 52 -9.43 -7.32 6.82
CA SER A 52 -9.95 -8.67 6.78
C SER A 52 -8.82 -9.63 6.41
N ASP A 53 -8.96 -10.87 6.84
CA ASP A 53 -8.00 -11.91 6.54
C ASP A 53 -8.36 -12.62 5.23
N LYS A 54 -7.33 -12.92 4.44
CA LYS A 54 -7.44 -13.63 3.16
C LYS A 54 -6.22 -14.53 3.01
N THR A 55 -6.15 -15.24 1.88
CA THR A 55 -4.96 -15.97 1.51
C THR A 55 -4.71 -15.82 0.02
N VAL A 56 -3.44 -15.87 -0.37
CA VAL A 56 -3.09 -15.87 -1.77
C VAL A 56 -2.73 -17.28 -2.19
N GLU A 57 -3.34 -17.72 -3.28
CA GLU A 57 -3.25 -19.08 -3.80
C GLU A 57 -2.16 -19.14 -4.86
N VAL A 58 -1.20 -20.07 -4.70
CA VAL A 58 -0.18 -20.24 -5.71
C VAL A 58 -0.77 -20.85 -6.97
N LYS A 59 -0.40 -20.28 -8.13
CA LYS A 59 -1.02 -20.54 -9.44
C LYS A 59 -0.48 -21.81 -10.09
N PRO A 60 -1.20 -22.40 -11.09
CA PRO A 60 -0.90 -23.78 -11.52
C PRO A 60 0.57 -24.04 -11.80
N GLY A 61 1.18 -23.25 -12.69
CA GLY A 61 2.58 -23.44 -13.07
C GLY A 61 3.49 -23.60 -11.87
N MET A 62 3.46 -22.62 -10.97
CA MET A 62 4.37 -22.71 -9.83
C MET A 62 3.95 -23.81 -8.87
N LYS A 63 2.65 -24.05 -8.72
CA LYS A 63 2.18 -25.14 -7.88
C LYS A 63 2.81 -26.46 -8.30
N ALA A 64 2.81 -26.73 -9.61
CA ALA A 64 3.42 -27.94 -10.15
C ALA A 64 4.89 -28.07 -9.75
N ARG A 65 5.69 -27.06 -10.07
CA ARG A 65 7.13 -27.19 -9.92
C ARG A 65 7.58 -27.19 -8.46
N PHE A 66 6.77 -26.66 -7.52
CA PHE A 66 7.24 -26.39 -6.16
C PHE A 66 6.26 -26.76 -5.04
N VAL A 67 4.96 -26.58 -5.26
CA VAL A 67 4.01 -26.84 -4.19
C VAL A 67 3.77 -28.33 -4.05
N ASP A 68 3.29 -28.97 -5.13
CA ASP A 68 2.88 -30.37 -5.10
C ASP A 68 3.99 -31.28 -4.58
N SER A 69 5.24 -30.87 -4.76
CA SER A 69 6.40 -31.61 -4.28
C SER A 69 6.88 -31.17 -2.91
N GLY A 70 6.02 -30.50 -2.13
CA GLY A 70 6.32 -30.17 -0.74
C GLY A 70 7.46 -29.18 -0.50
N GLU A 71 7.83 -28.38 -1.50
CA GLU A 71 8.89 -27.38 -1.33
C GLU A 71 8.38 -26.01 -0.90
N MET A 72 7.06 -25.75 -1.02
CA MET A 72 6.51 -24.41 -0.94
C MET A 72 5.01 -24.48 -0.68
N ALA A 73 4.53 -23.73 0.32
CA ALA A 73 3.15 -23.85 0.79
C ALA A 73 2.15 -23.51 -0.31
N GLU A 74 1.00 -24.18 -0.26
CA GLU A 74 -0.02 -23.93 -1.27
C GLU A 74 -0.56 -22.50 -1.19
N SER A 75 -0.66 -21.95 0.01
CA SER A 75 -1.27 -20.65 0.20
C SER A 75 -0.47 -19.89 1.24
N PHE A 76 -0.58 -18.55 1.17
CA PHE A 76 -0.07 -17.65 2.18
C PHE A 76 -1.22 -16.81 2.70
N PRO A 77 -1.46 -16.76 4.01
CA PRO A 77 -2.51 -15.87 4.51
C PRO A 77 -1.95 -14.48 4.77
N TYR A 78 -2.82 -13.49 4.62
CA TYR A 78 -2.45 -12.12 4.95
C TYR A 78 -3.67 -11.36 5.37
N ARG A 79 -3.45 -10.32 6.17
CA ARG A 79 -4.47 -9.34 6.45
C ARG A 79 -4.38 -8.23 5.42
N THR A 80 -5.50 -7.92 4.77
CA THR A 80 -5.56 -6.77 3.87
C THR A 80 -6.20 -5.63 4.63
N LYS A 81 -5.79 -4.41 4.30
CA LYS A 81 -6.33 -3.22 4.93
C LYS A 81 -6.46 -2.10 3.91
N ALA A 82 -7.47 -1.26 4.11
CA ALA A 82 -7.69 -0.08 3.30
C ALA A 82 -7.75 1.13 4.23
N LEU A 83 -7.00 2.17 3.91
CA LEU A 83 -7.13 3.37 4.70
C LEU A 83 -7.11 4.61 3.84
N PHE A 84 -7.70 5.65 4.39
CA PHE A 84 -7.95 6.91 3.72
C PHE A 84 -7.54 8.04 4.64
N ALA A 85 -7.13 9.16 4.03
CA ALA A 85 -6.83 10.37 4.79
C ALA A 85 -7.66 11.54 4.27
N PHE A 86 -7.97 12.46 5.18
CA PHE A 86 -8.93 13.51 4.95
C PHE A 86 -8.36 14.80 5.49
N GLU A 87 -8.49 15.91 4.76
CA GLU A 87 -8.19 17.22 5.30
C GLU A 87 -9.48 18.01 5.50
N GLU A 88 -9.55 18.81 6.57
CA GLU A 88 -10.65 19.73 6.80
C GLU A 88 -10.33 21.09 6.18
N ILE A 89 -11.13 21.51 5.22
CA ILE A 89 -10.88 22.72 4.47
C ILE A 89 -12.08 23.61 4.69
N ASP A 90 -11.94 24.58 5.60
CA ASP A 90 -13.05 25.46 5.97
C ASP A 90 -14.28 24.63 6.33
N GLY A 91 -14.07 23.62 7.17
CA GLY A 91 -15.18 22.94 7.82
C GLY A 91 -15.82 21.80 7.07
N VAL A 92 -15.33 21.48 5.88
CA VAL A 92 -15.84 20.34 5.12
C VAL A 92 -14.68 19.37 4.90
N ASP A 93 -14.98 18.07 4.98
CA ASP A 93 -13.99 17.02 4.76
C ASP A 93 -13.60 16.92 3.28
N LEU A 94 -12.35 16.55 3.04
CA LEU A 94 -11.87 16.22 1.69
C LEU A 94 -11.05 14.95 1.80
N CYS A 95 -11.45 13.92 1.06
CA CYS A 95 -10.64 12.72 0.94
C CYS A 95 -9.62 12.97 -0.16
N PHE A 96 -8.33 12.84 0.17
CA PHE A 96 -7.26 13.14 -0.79
C PHE A 96 -6.23 12.03 -0.92
N PHE A 97 -6.35 10.94 -0.15
CA PHE A 97 -5.35 9.90 -0.16
C PHE A 97 -5.99 8.58 0.24
N GLY A 98 -5.72 7.52 -0.52
CA GLY A 98 -6.09 6.18 -0.10
C GLY A 98 -4.96 5.19 -0.35
N MET A 99 -4.90 4.18 0.53
CA MET A 99 -3.86 3.15 0.46
C MET A 99 -4.46 1.78 0.76
N HIS A 100 -4.03 0.75 0.01
CA HIS A 100 -4.37 -0.65 0.24
C HIS A 100 -3.09 -1.44 0.51
N VAL A 101 -3.07 -2.23 1.58
CA VAL A 101 -1.89 -2.99 1.93
C VAL A 101 -2.25 -4.46 2.07
N GLN A 102 -1.23 -5.30 1.97
CA GLN A 102 -1.29 -6.69 2.34
C GLN A 102 -0.24 -6.95 3.40
N GLU A 103 -0.64 -7.57 4.51
CA GLU A 103 0.26 -7.80 5.64
C GLU A 103 0.34 -9.30 5.90
N TYR A 104 1.49 -9.88 5.67
CA TYR A 104 1.71 -11.30 5.88
C TYR A 104 2.37 -11.46 7.25
N GLY A 105 1.61 -11.94 8.21
CA GLY A 105 2.04 -11.99 9.59
C GLY A 105 3.12 -13.03 9.86
N SER A 106 3.37 -13.24 11.16
CA SER A 106 4.46 -14.10 11.60
C SER A 106 4.11 -15.57 11.54
N ASP A 107 2.83 -15.91 11.49
CA ASP A 107 2.43 -17.30 11.31
C ASP A 107 2.13 -17.62 9.86
N CYS A 108 2.69 -16.84 8.95
CA CYS A 108 2.69 -17.03 7.51
C CYS A 108 3.91 -17.86 7.10
N PRO A 109 3.80 -18.80 6.17
CA PRO A 109 4.97 -19.57 5.77
C PRO A 109 5.92 -18.71 4.98
N PRO A 110 7.22 -18.90 5.10
CA PRO A 110 8.20 -18.24 4.21
C PRO A 110 7.88 -18.55 2.75
N PRO A 111 8.34 -17.69 1.79
CA PRO A 111 9.17 -16.49 1.99
C PRO A 111 8.38 -15.20 2.24
N ASN A 112 7.07 -15.32 2.47
CA ASN A 112 6.20 -14.19 2.71
C ASN A 112 6.22 -13.71 4.16
N GLN A 113 6.99 -14.34 5.02
CA GLN A 113 6.84 -14.11 6.45
C GLN A 113 7.34 -12.73 6.86
N ARG A 114 6.51 -12.03 7.65
CA ARG A 114 6.82 -10.72 8.24
C ARG A 114 7.04 -9.66 7.18
N ARG A 115 6.23 -9.66 6.13
CA ARG A 115 6.35 -8.70 5.06
C ARG A 115 5.03 -7.98 4.84
N VAL A 116 5.12 -6.77 4.34
CA VAL A 116 3.94 -6.03 3.93
C VAL A 116 4.14 -5.63 2.48
N TYR A 117 3.03 -5.53 1.77
CA TYR A 117 3.03 -5.11 0.37
C TYR A 117 2.03 -3.98 0.24
N ILE A 118 2.43 -2.90 -0.42
CA ILE A 118 1.52 -1.81 -0.77
C ILE A 118 0.89 -2.14 -2.13
N SER A 119 -0.34 -2.66 -2.08
CA SER A 119 -1.10 -2.96 -3.29
C SER A 119 -1.19 -1.75 -4.20
N TYR A 120 -1.77 -0.65 -3.69
CA TYR A 120 -2.23 0.45 -4.52
C TYR A 120 -2.10 1.78 -3.78
N LEU A 121 -1.70 2.83 -4.49
CA LEU A 121 -1.68 4.16 -3.92
C LEU A 121 -2.38 5.12 -4.87
N ASP A 122 -3.20 6.00 -4.31
CA ASP A 122 -3.91 6.95 -5.12
C ASP A 122 -4.10 8.22 -4.31
N SER A 123 -4.26 9.33 -5.02
CA SER A 123 -4.54 10.58 -4.34
C SER A 123 -5.36 11.48 -5.24
N VAL A 124 -5.83 12.57 -4.66
CA VAL A 124 -6.53 13.61 -5.38
C VAL A 124 -5.93 14.94 -4.94
N HIS A 125 -5.34 15.68 -5.88
CA HIS A 125 -4.29 16.64 -5.56
C HIS A 125 -4.76 17.92 -4.91
N PHE A 126 -5.77 17.87 -4.05
CA PHE A 126 -6.42 19.09 -3.58
C PHE A 126 -6.00 19.48 -2.18
N PHE A 127 -4.96 18.86 -1.63
CA PHE A 127 -4.52 19.21 -0.30
C PHE A 127 -4.10 20.67 -0.25
N ARG A 128 -4.37 21.33 0.89
CA ARG A 128 -4.08 22.74 1.15
C ARG A 128 -3.11 22.90 2.31
N PRO A 129 -1.99 23.60 2.14
CA PRO A 129 -1.46 24.24 0.92
C PRO A 129 -0.72 23.27 0.01
N LYS A 130 -0.68 23.59 -1.29
CA LYS A 130 -0.03 22.73 -2.28
C LYS A 130 1.37 22.33 -1.85
N CYS A 131 2.07 23.23 -1.18
CA CYS A 131 3.50 23.03 -0.91
C CYS A 131 3.77 22.09 0.26
N LEU A 132 2.74 21.54 0.89
CA LEU A 132 2.92 20.48 1.89
C LEU A 132 2.32 19.15 1.44
N ARG A 133 1.75 19.08 0.25
CA ARG A 133 1.07 17.88 -0.23
C ARG A 133 2.03 16.69 -0.26
N THR A 134 3.13 16.84 -0.99
CA THR A 134 4.13 15.78 -1.03
C THR A 134 4.63 15.43 0.38
N ALA A 135 4.84 16.44 1.23
CA ALA A 135 5.36 16.15 2.56
C ALA A 135 4.34 15.38 3.39
N VAL A 136 3.05 15.73 3.28
CA VAL A 136 2.01 14.98 3.99
C VAL A 136 1.92 13.53 3.49
N TYR A 137 1.98 13.32 2.17
CA TYR A 137 2.02 11.94 1.66
C TYR A 137 3.21 11.19 2.24
N HIS A 138 4.34 11.88 2.40
CA HIS A 138 5.51 11.21 2.95
C HIS A 138 5.29 10.86 4.41
N GLU A 139 4.73 11.79 5.19
CA GLU A 139 4.53 11.49 6.60
C GLU A 139 3.59 10.30 6.79
N ILE A 140 2.57 10.16 5.95
CA ILE A 140 1.71 8.99 6.05
C ILE A 140 2.49 7.73 5.71
N LEU A 141 3.18 7.73 4.57
CA LEU A 141 3.87 6.53 4.12
C LEU A 141 4.97 6.13 5.09
N ILE A 142 5.80 7.09 5.52
CA ILE A 142 6.80 6.80 6.53
C ILE A 142 6.13 6.34 7.82
N GLY A 143 5.01 6.97 8.18
CA GLY A 143 4.30 6.57 9.38
C GLY A 143 3.85 5.12 9.33
N TYR A 144 3.39 4.65 8.18
CA TYR A 144 2.99 3.25 8.12
C TYR A 144 4.19 2.35 8.33
N LEU A 145 5.31 2.68 7.71
CA LEU A 145 6.51 1.86 7.85
C LEU A 145 6.96 1.80 9.31
N GLU A 146 6.97 2.94 10.00
CA GLU A 146 7.34 3.01 11.41
C GLU A 146 6.49 2.07 12.25
N TYR A 147 5.20 2.00 11.92
CA TYR A 147 4.23 1.23 12.69
C TYR A 147 4.42 -0.27 12.48
N VAL A 148 4.37 -0.74 11.24
CA VAL A 148 4.57 -2.17 11.03
C VAL A 148 5.92 -2.61 11.58
N LYS A 149 6.94 -1.75 11.50
CA LYS A 149 8.23 -2.12 12.07
C LYS A 149 8.11 -2.37 13.55
N LYS A 150 7.57 -1.39 14.28
CA LYS A 150 7.27 -1.50 15.69
C LYS A 150 6.65 -2.86 16.01
N LEU A 151 5.74 -3.34 15.16
CA LEU A 151 5.03 -4.57 15.49
C LEU A 151 5.80 -5.82 15.15
N GLY A 152 6.83 -5.72 14.34
CA GLY A 152 7.58 -6.91 14.03
C GLY A 152 7.64 -7.33 12.58
N TYR A 153 7.16 -6.49 11.66
CA TYR A 153 7.36 -6.80 10.24
C TYR A 153 8.76 -6.40 9.83
N THR A 154 9.43 -7.27 9.06
CA THR A 154 10.85 -7.06 8.77
C THR A 154 11.11 -6.31 7.48
N THR A 155 10.17 -6.32 6.53
CA THR A 155 10.47 -5.89 5.17
C THR A 155 9.21 -5.35 4.55
N GLY A 156 9.32 -4.22 3.85
CA GLY A 156 8.23 -3.73 3.02
C GLY A 156 8.54 -3.77 1.53
N HIS A 157 7.50 -3.72 0.69
CA HIS A 157 7.63 -3.90 -0.76
C HIS A 157 6.77 -2.89 -1.49
N ILE A 158 7.30 -2.25 -2.52
CA ILE A 158 6.53 -1.34 -3.35
C ILE A 158 6.81 -1.62 -4.82
N TRP A 159 5.74 -1.56 -5.64
CA TRP A 159 5.78 -1.61 -7.09
C TRP A 159 5.38 -0.23 -7.61
N ALA A 160 6.38 0.52 -8.08
CA ALA A 160 6.21 1.88 -8.63
C ALA A 160 5.64 1.77 -10.04
N CYS A 161 4.33 1.63 -10.10
CA CYS A 161 3.59 1.42 -11.34
C CYS A 161 2.68 2.61 -11.56
N PRO A 162 3.01 3.52 -12.47
CA PRO A 162 2.08 4.59 -12.81
C PRO A 162 0.96 4.06 -13.70
N PRO A 163 -0.28 4.47 -13.44
CA PRO A 163 -1.41 3.95 -14.22
C PRO A 163 -1.42 4.44 -15.66
N SER A 164 -2.21 3.75 -16.47
CA SER A 164 -2.53 4.21 -17.82
C SER A 164 -3.51 5.37 -17.72
N GLU A 165 -3.39 6.30 -18.67
CA GLU A 165 -4.38 7.38 -18.77
C GLU A 165 -5.79 6.81 -18.70
N GLY A 166 -6.56 7.25 -17.70
CA GLY A 166 -7.93 6.82 -17.53
C GLY A 166 -8.13 5.67 -16.55
N ASP A 167 -7.09 4.93 -16.24
CA ASP A 167 -7.16 3.88 -15.22
C ASP A 167 -7.07 4.55 -13.86
N ASP A 168 -8.20 4.62 -13.16
CA ASP A 168 -8.24 5.11 -11.79
C ASP A 168 -7.95 3.95 -10.86
N TYR A 169 -7.01 4.15 -9.93
CA TYR A 169 -6.68 3.11 -8.97
C TYR A 169 -7.70 3.06 -7.82
N ILE A 170 -8.00 4.21 -7.22
CA ILE A 170 -8.92 4.20 -6.09
C ILE A 170 -10.02 5.21 -6.30
N PHE A 171 -9.65 6.38 -6.78
CA PHE A 171 -10.55 7.53 -6.82
C PHE A 171 -11.08 7.69 -8.24
N HIS A 172 -12.40 7.54 -8.39
CA HIS A 172 -13.04 7.63 -9.69
C HIS A 172 -13.00 9.04 -10.26
N CYS A 173 -12.58 9.13 -11.52
CA CYS A 173 -12.46 10.37 -12.28
CA CYS A 173 -12.49 10.38 -12.27
C CYS A 173 -11.55 11.38 -11.58
N HIS A 174 -10.27 11.31 -11.92
CA HIS A 174 -9.29 12.25 -11.40
C HIS A 174 -9.48 13.60 -12.10
N PRO A 175 -8.91 14.67 -11.54
CA PRO A 175 -8.94 15.93 -12.23
C PRO A 175 -8.19 15.80 -13.54
N PRO A 176 -8.73 16.39 -14.60
CA PRO A 176 -8.05 16.31 -15.90
C PRO A 176 -6.68 16.93 -15.90
N ASP A 177 -6.37 17.80 -14.95
CA ASP A 177 -5.06 18.45 -14.91
C ASP A 177 -4.19 17.97 -13.75
N GLN A 178 -4.48 16.78 -13.19
CA GLN A 178 -3.55 16.06 -12.33
C GLN A 178 -2.71 15.16 -13.21
N LYS A 179 -1.45 15.55 -13.42
CA LYS A 179 -0.57 14.76 -14.27
C LYS A 179 -0.33 13.40 -13.64
N ILE A 180 -0.30 12.37 -14.47
CA ILE A 180 0.22 11.07 -14.03
C ILE A 180 1.73 11.11 -14.11
N PRO A 181 2.45 10.74 -13.06
CA PRO A 181 3.91 10.80 -13.11
C PRO A 181 4.51 9.75 -14.03
N LYS A 182 5.55 10.16 -14.76
CA LYS A 182 6.36 9.20 -15.50
C LYS A 182 7.04 8.26 -14.50
N PRO A 183 7.39 7.03 -14.94
CA PRO A 183 8.06 6.08 -14.03
C PRO A 183 9.28 6.61 -13.31
N LYS A 184 10.23 7.22 -14.01
CA LYS A 184 11.40 7.78 -13.32
C LYS A 184 10.96 8.75 -12.22
N ARG A 185 10.03 9.65 -12.54
CA ARG A 185 9.60 10.63 -11.56
C ARG A 185 9.00 9.95 -10.34
N LEU A 186 8.21 8.90 -10.57
CA LEU A 186 7.59 8.19 -9.45
C LEU A 186 8.64 7.43 -8.66
N GLN A 187 9.63 6.89 -9.34
CA GLN A 187 10.72 6.23 -8.65
C GLN A 187 11.53 7.23 -7.82
N GLU A 188 11.93 8.36 -8.41
CA GLU A 188 12.64 9.37 -7.61
C GLU A 188 11.81 9.81 -6.41
N TRP A 189 10.49 9.96 -6.59
CA TRP A 189 9.62 10.41 -5.50
C TRP A 189 9.61 9.40 -4.37
N PHE A 190 9.56 8.09 -4.69
CA PHE A 190 9.64 7.09 -3.64
C PHE A 190 11.02 7.15 -2.96
N LYS A 191 12.08 7.27 -3.73
CA LYS A 191 13.40 7.36 -3.12
C LYS A 191 13.45 8.53 -2.12
N LYS A 192 12.91 9.69 -2.49
CA LYS A 192 12.94 10.82 -1.56
C LYS A 192 12.22 10.47 -0.26
N MET A 193 11.09 9.76 -0.37
CA MET A 193 10.37 9.33 0.83
C MET A 193 11.19 8.35 1.67
N LEU A 194 11.85 7.37 1.02
CA LEU A 194 12.60 6.35 1.76
C LEU A 194 13.89 6.93 2.37
N ASP A 195 14.60 7.78 1.62
CA ASP A 195 15.71 8.53 2.20
C ASP A 195 15.32 9.17 3.52
N LYS A 196 14.14 9.82 3.55
CA LYS A 196 13.64 10.43 4.78
C LYS A 196 13.54 9.39 5.89
N ALA A 197 12.98 8.22 5.57
CA ALA A 197 12.83 7.20 6.59
C ALA A 197 14.17 6.62 7.04
N VAL A 198 15.19 6.64 6.18
CA VAL A 198 16.52 6.20 6.59
C VAL A 198 17.12 7.18 7.58
N SER A 199 16.91 8.49 7.38
CA SER A 199 17.46 9.47 8.31
C SER A 199 16.83 9.33 9.68
N GLU A 200 15.55 8.99 9.73
CA GLU A 200 14.87 8.81 10.99
C GLU A 200 15.12 7.43 11.57
N ARG A 201 15.99 6.65 10.92
CA ARG A 201 16.39 5.30 11.34
C ARG A 201 15.18 4.37 11.40
N ILE A 202 14.18 4.67 10.60
CA ILE A 202 13.04 3.78 10.46
C ILE A 202 13.39 2.63 9.54
N VAL A 203 13.82 2.98 8.33
CA VAL A 203 14.30 2.01 7.35
C VAL A 203 15.80 1.84 7.48
N HIS A 204 16.26 0.60 7.44
CA HIS A 204 17.71 0.37 7.44
C HIS A 204 18.31 0.72 6.08
N ASP A 205 17.79 0.12 5.02
CA ASP A 205 18.25 0.40 3.67
C ASP A 205 17.16 -0.03 2.72
N TYR A 206 17.37 0.24 1.43
CA TYR A 206 16.46 -0.25 0.41
C TYR A 206 17.23 -0.42 -0.89
N LYS A 207 16.75 -1.37 -1.69
CA LYS A 207 17.45 -1.81 -2.89
C LYS A 207 16.41 -2.21 -3.92
N ASP A 208 16.76 -2.09 -5.20
CA ASP A 208 15.91 -2.65 -6.21
C ASP A 208 15.88 -4.17 -6.06
N ILE A 209 14.84 -4.79 -6.63
CA ILE A 209 14.56 -6.20 -6.36
C ILE A 209 15.69 -7.08 -6.85
N PHE A 210 16.34 -6.67 -7.95
CA PHE A 210 17.45 -7.45 -8.48
C PHE A 210 18.63 -7.47 -7.52
N LYS A 211 19.10 -6.30 -7.11
CA LYS A 211 20.23 -6.25 -6.20
C LYS A 211 19.90 -6.93 -4.90
N GLN A 212 18.64 -6.82 -4.45
CA GLN A 212 18.30 -7.44 -3.17
C GLN A 212 18.33 -8.95 -3.29
N ALA A 213 17.79 -9.51 -4.37
CA ALA A 213 17.86 -10.96 -4.54
C ALA A 213 19.30 -11.45 -4.67
N THR A 214 20.16 -10.66 -5.32
CA THR A 214 21.59 -10.99 -5.38
C THR A 214 22.20 -11.10 -3.98
N GLU A 215 22.16 -10.01 -3.22
CA GLU A 215 22.70 -10.03 -1.86
C GLU A 215 22.13 -11.21 -1.07
N ASP A 216 20.82 -11.42 -1.16
CA ASP A 216 20.20 -12.56 -0.52
C ASP A 216 20.62 -13.91 -1.10
N ARG A 217 21.46 -13.94 -2.14
CA ARG A 217 21.93 -15.20 -2.72
C ARG A 217 20.73 -16.09 -3.05
N LEU A 218 19.65 -15.47 -3.52
CA LEU A 218 18.48 -16.22 -3.92
C LEU A 218 18.85 -17.14 -5.08
N THR A 219 18.33 -18.37 -5.04
CA THR A 219 18.69 -19.38 -6.04
C THR A 219 17.46 -20.01 -6.67
N SER A 220 16.36 -20.10 -5.92
CA SER A 220 15.13 -20.71 -6.41
C SER A 220 14.00 -19.68 -6.45
N ALA A 221 13.07 -19.86 -7.39
CA ALA A 221 11.92 -18.98 -7.45
C ALA A 221 11.05 -19.13 -6.22
N LYS A 222 11.05 -20.31 -5.59
CA LYS A 222 10.25 -20.48 -4.38
C LYS A 222 10.67 -19.51 -3.28
N GLU A 223 11.88 -18.96 -3.33
CA GLU A 223 12.35 -18.01 -2.32
C GLU A 223 11.88 -16.58 -2.56
N LEU A 224 11.15 -16.28 -3.68
CA LEU A 224 10.68 -14.94 -3.98
C LEU A 224 9.27 -14.73 -3.41
N PRO A 225 9.06 -13.68 -2.61
CA PRO A 225 7.76 -13.50 -1.96
C PRO A 225 6.62 -13.42 -2.96
N TYR A 226 5.47 -13.97 -2.56
CA TYR A 226 4.35 -14.27 -3.45
C TYR A 226 3.14 -13.46 -2.98
N PHE A 227 2.88 -12.33 -3.63
CA PHE A 227 1.88 -11.39 -3.16
C PHE A 227 0.69 -11.38 -4.11
N GLU A 228 -0.53 -11.31 -3.55
CA GLU A 228 -1.71 -11.18 -4.39
C GLU A 228 -1.62 -9.99 -5.34
N GLY A 229 -1.91 -10.22 -6.61
CA GLY A 229 -2.00 -9.16 -7.59
C GLY A 229 -0.70 -8.62 -8.09
N ASP A 230 0.43 -9.13 -7.60
CA ASP A 230 1.75 -8.61 -7.90
C ASP A 230 2.30 -9.16 -9.23
N PHE A 231 3.27 -8.44 -9.80
CA PHE A 231 3.88 -8.76 -11.09
C PHE A 231 4.46 -10.16 -11.11
N TRP A 232 5.09 -10.58 -10.02
CA TRP A 232 5.99 -11.71 -10.08
C TRP A 232 5.29 -13.05 -10.18
N PRO A 233 4.17 -13.30 -9.48
CA PRO A 233 3.42 -14.53 -9.75
C PRO A 233 3.11 -14.76 -11.22
N ASN A 234 2.61 -13.74 -11.92
CA ASN A 234 2.29 -13.92 -13.32
C ASN A 234 3.54 -14.05 -14.19
N VAL A 235 4.63 -13.37 -13.80
CA VAL A 235 5.88 -13.50 -14.55
C VAL A 235 6.38 -14.93 -14.51
N LEU A 236 6.38 -15.53 -13.33
CA LEU A 236 6.76 -16.94 -13.20
C LEU A 236 5.85 -17.83 -14.05
N GLU A 237 4.56 -17.49 -14.15
CA GLU A 237 3.65 -18.34 -14.91
C GLU A 237 4.02 -18.31 -16.39
N GLU A 238 4.00 -17.12 -17.01
CA GLU A 238 4.51 -16.97 -18.37
C GLU A 238 5.89 -17.58 -18.53
N SER A 239 6.71 -17.56 -17.47
CA SER A 239 8.06 -18.13 -17.54
C SER A 239 8.07 -19.65 -17.53
N ILE A 240 7.11 -20.27 -16.84
CA ILE A 240 7.02 -21.72 -16.85
C ILE A 240 6.38 -22.22 -18.14
N LYS A 241 5.50 -21.44 -18.77
CA LYS A 241 5.00 -21.79 -20.09
C LYS A 241 6.09 -21.64 -21.15
N GLU A 242 7.09 -20.79 -20.91
CA GLU A 242 8.14 -20.59 -21.92
C GLU A 242 9.22 -21.67 -21.85
N LEU A 243 9.40 -22.29 -20.69
CA LEU A 243 10.23 -23.49 -20.60
C LEU A 243 9.48 -24.71 -21.10
N GLU A 244 8.16 -24.73 -20.88
CA GLU A 244 7.32 -25.79 -21.45
C GLU A 244 7.44 -25.81 -22.97
N GLN A 245 7.40 -24.65 -23.62
CA GLN A 245 7.44 -24.60 -25.08
C GLN A 245 8.80 -24.99 -25.65
N GLU A 246 9.84 -25.16 -24.82
CA GLU A 246 11.14 -25.64 -25.32
C GLU A 246 11.43 -27.07 -24.85
N ASP A 302 16.89 -22.35 -17.50
CA ASP A 302 16.58 -22.45 -16.08
C ASP A 302 15.56 -21.38 -15.64
N LEU A 303 14.66 -21.76 -14.73
CA LEU A 303 13.65 -20.82 -14.24
C LEU A 303 14.28 -19.70 -13.42
N SER A 304 15.36 -20.00 -12.70
CA SER A 304 16.08 -18.97 -11.95
C SER A 304 16.76 -17.96 -12.87
N GLN A 305 17.35 -18.43 -13.98
CA GLN A 305 17.99 -17.51 -14.91
C GLN A 305 16.98 -16.60 -15.61
N LYS A 306 15.79 -17.12 -15.89
CA LYS A 306 14.73 -16.29 -16.46
C LYS A 306 14.30 -15.21 -15.48
N LEU A 307 14.11 -15.59 -14.21
CA LEU A 307 13.73 -14.62 -13.18
C LEU A 307 14.75 -13.49 -13.08
N TYR A 308 16.00 -13.83 -12.75
CA TYR A 308 17.07 -12.84 -12.60
C TYR A 308 17.18 -11.89 -13.80
N ALA A 309 16.78 -12.34 -15.00
CA ALA A 309 16.82 -11.44 -16.13
C ALA A 309 15.63 -10.50 -16.15
N THR A 310 14.44 -11.03 -15.82
CA THR A 310 13.27 -10.17 -15.72
C THR A 310 13.44 -9.16 -14.60
N MET A 311 14.06 -9.58 -13.50
CA MET A 311 14.39 -8.63 -12.45
C MET A 311 15.33 -7.53 -12.95
N GLU A 312 16.37 -7.89 -13.73
CA GLU A 312 17.33 -6.88 -14.18
C GLU A 312 16.67 -5.86 -15.09
N LYS A 313 15.97 -6.32 -16.12
CA LYS A 313 15.29 -5.40 -17.02
C LYS A 313 14.45 -4.39 -16.24
N HIS A 314 13.71 -4.85 -15.22
CA HIS A 314 12.73 -4.03 -14.52
C HIS A 314 13.14 -3.65 -13.10
N LYS A 315 14.43 -3.70 -12.76
CA LYS A 315 14.83 -3.56 -11.37
C LYS A 315 14.38 -2.23 -10.78
N GLU A 316 14.40 -1.16 -11.56
CA GLU A 316 14.19 0.18 -11.00
C GLU A 316 12.74 0.42 -10.59
N VAL A 317 11.84 -0.51 -10.87
CA VAL A 317 10.42 -0.35 -10.54
C VAL A 317 10.03 -1.06 -9.24
N PHE A 318 10.88 -1.91 -8.69
CA PHE A 318 10.46 -2.78 -7.60
C PHE A 318 11.33 -2.55 -6.37
N PHE A 319 10.77 -1.89 -5.36
CA PHE A 319 11.53 -1.50 -4.18
C PHE A 319 11.46 -2.60 -3.13
N VAL A 320 12.61 -2.95 -2.54
CA VAL A 320 12.65 -3.81 -1.36
C VAL A 320 13.19 -2.99 -0.19
N ILE A 321 12.34 -2.79 0.81
CA ILE A 321 12.64 -1.95 1.97
C ILE A 321 12.80 -2.84 3.20
N ARG A 322 13.94 -2.71 3.84
CA ARG A 322 14.30 -3.55 4.98
C ARG A 322 14.11 -2.72 6.24
N LEU A 323 13.26 -3.19 7.16
CA LEU A 323 12.99 -2.44 8.38
C LEU A 323 13.73 -2.97 9.59
N ILE A 324 13.96 -4.29 9.66
CA ILE A 324 14.79 -4.90 10.67
C ILE A 324 15.69 -5.91 9.96
N ALA A 325 17.00 -5.78 10.15
CA ALA A 325 17.96 -6.64 9.47
C ALA A 325 18.93 -7.26 10.47
N GLY A 326 19.60 -8.32 10.02
CA GLY A 326 20.63 -8.95 10.80
C GLY A 326 20.09 -9.82 11.91
N PRO A 327 20.84 -9.96 13.00
CA PRO A 327 20.40 -10.86 14.08
C PRO A 327 19.09 -10.42 14.71
N ALA A 328 18.80 -9.11 14.64
CA ALA A 328 17.57 -8.59 15.22
C ALA A 328 16.33 -9.23 14.60
N ALA A 329 16.42 -9.68 13.36
CA ALA A 329 15.26 -10.28 12.71
C ALA A 329 15.04 -11.74 13.10
N ASN A 330 16.02 -12.40 13.72
CA ASN A 330 15.96 -13.83 13.94
C ASN A 330 15.23 -14.23 15.22
N SER A 331 15.00 -13.30 16.14
CA SER A 331 14.48 -13.65 17.46
C SER A 331 13.22 -12.87 17.81
N LEU A 332 12.40 -12.55 16.81
CA LEU A 332 11.30 -11.61 17.04
C LEU A 332 10.11 -12.33 17.68
N PRO A 333 9.40 -11.64 18.57
CA PRO A 333 8.14 -12.17 19.10
C PRO A 333 7.09 -12.26 18.01
N PRO A 334 6.00 -13.00 18.23
CA PRO A 334 4.96 -13.08 17.19
C PRO A 334 4.36 -11.71 16.90
N ILE A 335 3.86 -11.56 15.67
CA ILE A 335 3.17 -10.34 15.26
C ILE A 335 1.71 -10.47 15.69
N VAL A 336 1.27 -9.58 16.59
CA VAL A 336 -0.13 -9.47 16.98
C VAL A 336 -0.64 -8.09 16.65
N ASP A 337 -1.74 -8.03 15.88
CA ASP A 337 -2.40 -6.80 15.49
C ASP A 337 -3.30 -6.29 16.61
N PRO A 338 -2.92 -5.20 17.31
CA PRO A 338 -3.83 -4.61 18.29
C PRO A 338 -5.18 -4.20 17.73
N ASP A 339 -5.35 -4.18 16.38
CA ASP A 339 -6.66 -3.74 15.95
C ASP A 339 -7.54 -4.92 15.55
N PRO A 340 -8.85 -4.80 15.74
CA PRO A 340 -9.77 -5.81 15.24
C PRO A 340 -9.97 -5.71 13.74
N LEU A 341 -10.50 -6.80 13.19
CA LEU A 341 -10.94 -6.81 11.80
C LEU A 341 -12.03 -5.76 11.60
N ILE A 342 -12.14 -5.30 10.36
CA ILE A 342 -13.13 -4.30 10.01
C ILE A 342 -13.74 -4.80 8.71
N PRO A 343 -14.80 -5.61 8.77
CA PRO A 343 -15.45 -6.06 7.54
C PRO A 343 -16.26 -4.91 6.95
N CYS A 344 -15.90 -4.51 5.74
CA CYS A 344 -16.62 -3.44 5.06
C CYS A 344 -16.61 -3.76 3.58
N ASP A 345 -17.76 -4.20 3.06
CA ASP A 345 -17.81 -4.64 1.67
C ASP A 345 -17.48 -3.51 0.71
N LEU A 346 -17.72 -2.27 1.09
CA LEU A 346 -17.45 -1.19 0.16
C LEU A 346 -15.95 -0.99 -0.02
N MET A 347 -15.16 -1.19 1.03
CA MET A 347 -13.72 -1.02 0.96
C MET A 347 -12.98 -2.36 0.93
N ASP A 348 -13.59 -3.35 0.27
CA ASP A 348 -13.05 -4.69 0.09
C ASP A 348 -12.45 -4.70 -1.32
N GLY A 349 -11.14 -4.49 -1.41
CA GLY A 349 -10.51 -4.22 -2.69
C GLY A 349 -10.97 -2.88 -3.24
N ARG A 350 -10.50 -2.55 -4.44
CA ARG A 350 -10.76 -1.23 -5.00
C ARG A 350 -11.97 -1.18 -5.94
N ASP A 351 -12.61 -2.31 -6.25
CA ASP A 351 -13.72 -2.29 -7.21
C ASP A 351 -15.00 -1.75 -6.60
N ALA A 352 -15.31 -2.12 -5.35
CA ALA A 352 -16.59 -1.72 -4.77
C ALA A 352 -16.70 -0.20 -4.60
N PHE A 353 -15.60 0.47 -4.26
CA PHE A 353 -15.65 1.92 -4.16
C PHE A 353 -15.69 2.57 -5.52
N LEU A 354 -15.09 1.95 -6.53
CA LEU A 354 -15.11 2.56 -7.85
C LEU A 354 -16.45 2.35 -8.53
N THR A 355 -17.11 1.23 -8.24
CA THR A 355 -18.46 1.01 -8.76
C THR A 355 -19.44 2.01 -8.17
N LEU A 356 -19.42 2.14 -6.83
CA LEU A 356 -20.31 3.09 -6.16
C LEU A 356 -20.19 4.49 -6.74
N ALA A 357 -18.96 4.90 -7.07
CA ALA A 357 -18.75 6.24 -7.62
C ALA A 357 -19.35 6.38 -9.01
N ARG A 358 -19.15 5.38 -9.88
CA ARG A 358 -19.81 5.39 -11.19
C ARG A 358 -21.32 5.45 -11.06
N ASP A 359 -21.88 4.64 -10.16
CA ASP A 359 -23.34 4.57 -10.03
C ASP A 359 -23.91 5.92 -9.62
N LYS A 360 -23.35 6.52 -8.57
CA LYS A 360 -23.84 7.78 -8.04
C LYS A 360 -23.24 9.01 -8.74
N HIS A 361 -22.58 8.81 -9.89
CA HIS A 361 -21.90 9.89 -10.63
C HIS A 361 -21.06 10.75 -9.71
N LEU A 362 -20.30 10.12 -8.81
CA LEU A 362 -19.38 10.81 -7.91
C LEU A 362 -18.03 10.94 -8.59
N GLU A 363 -17.71 12.13 -9.06
CA GLU A 363 -16.37 12.35 -9.58
C GLU A 363 -15.46 12.87 -8.46
N PHE A 364 -14.16 12.87 -8.70
CA PHE A 364 -13.15 13.47 -7.82
C PHE A 364 -12.26 14.39 -8.63
N SER A 365 -12.87 15.14 -9.54
CA SER A 365 -12.16 15.86 -10.60
C SER A 365 -12.05 17.37 -10.35
N SER A 366 -12.68 17.87 -9.29
CA SER A 366 -12.47 19.24 -8.84
C SER A 366 -12.58 19.24 -7.31
N LEU A 367 -12.07 20.32 -6.69
CA LEU A 367 -12.14 20.39 -5.24
C LEU A 367 -13.57 20.27 -4.75
N ARG A 368 -14.50 21.03 -5.35
CA ARG A 368 -15.87 21.01 -4.85
C ARG A 368 -16.56 19.71 -5.21
N ARG A 369 -16.20 19.12 -6.36
CA ARG A 369 -16.76 17.81 -6.69
C ARG A 369 -16.27 16.77 -5.71
N ALA A 370 -14.95 16.73 -5.48
CA ALA A 370 -14.38 15.73 -4.57
C ALA A 370 -14.91 15.88 -3.15
N GLN A 371 -15.24 17.11 -2.74
CA GLN A 371 -15.78 17.31 -1.40
C GLN A 371 -17.19 16.76 -1.32
N TRP A 372 -17.98 16.94 -2.40
CA TRP A 372 -19.29 16.30 -2.46
C TRP A 372 -19.16 14.78 -2.41
N SER A 373 -18.27 14.22 -3.26
CA SER A 373 -18.02 12.79 -3.25
C SER A 373 -17.53 12.31 -1.88
N THR A 374 -16.73 13.12 -1.16
CA THR A 374 -16.28 12.68 0.16
C THR A 374 -17.46 12.52 1.10
N MET A 375 -18.38 13.48 1.10
CA MET A 375 -19.56 13.39 1.96
C MET A 375 -20.31 12.08 1.68
N CYS A 376 -20.53 11.75 0.41
CA CYS A 376 -21.23 10.51 0.07
C CYS A 376 -20.47 9.29 0.58
N MET A 377 -19.18 9.18 0.25
CA MET A 377 -18.42 8.04 0.76
C MET A 377 -18.53 7.97 2.27
N LEU A 378 -18.55 9.11 2.94
CA LEU A 378 -18.62 9.06 4.40
C LEU A 378 -20.01 8.60 4.86
N VAL A 379 -21.04 8.97 4.11
CA VAL A 379 -22.42 8.56 4.43
C VAL A 379 -22.54 7.04 4.33
N GLU A 380 -22.25 6.50 3.15
CA GLU A 380 -22.12 5.07 2.99
C GLU A 380 -21.35 4.44 4.14
N LEU A 381 -20.13 4.94 4.38
CA LEU A 381 -19.21 4.29 5.31
C LEU A 381 -19.79 4.19 6.71
N HIS A 382 -20.53 5.21 7.12
CA HIS A 382 -21.15 5.21 8.45
C HIS A 382 -22.36 4.30 8.49
N THR A 383 -23.18 4.37 7.45
CA THR A 383 -24.40 3.60 7.43
C THR A 383 -24.16 2.13 7.11
N GLN A 384 -22.97 1.74 6.67
CA GLN A 384 -22.67 0.32 6.60
C GLN A 384 -21.97 -0.18 7.86
N SER A 385 -21.16 0.66 8.51
CA SER A 385 -20.67 0.36 9.85
C SER A 385 -21.78 0.44 10.91
N GLN A 386 -23.01 0.80 10.52
CA GLN A 386 -24.16 0.83 11.43
C GLN A 386 -25.33 -0.06 10.94
#